data_4NMO
#
_entry.id   4NMO
#
_cell.length_a   36.083
_cell.length_b   47.603
_cell.length_c   97.838
_cell.angle_alpha   90.00
_cell.angle_beta   90.00
_cell.angle_gamma   90.00
#
_symmetry.space_group_name_H-M   'P 21 21 21'
#
loop_
_entity.id
_entity.type
_entity.pdbx_description
1 polymer 'Golgi-associated PDZ and coiled-coil motif-containing protein'
2 polymer 'iCAL36(Ac-K-1) peptide'
3 non-polymer GLYCEROL
4 water water
#
loop_
_entity_poly.entity_id
_entity_poly.type
_entity_poly.pdbx_seq_one_letter_code
_entity_poly.pdbx_strand_id
1 'polypeptide(L)'
;GPIRKVLLLKEDHEGLGISITGGKEHGVPILISEIHPGQPADRCGGLHVGDAILAVNGVNLRDTKHKEAVTILSQQRGEI
EFEVVYV
;
A,B
2 'polypeptide(L)' ANSRWPTS(ALY)I C,D
#
loop_
_chem_comp.id
_chem_comp.type
_chem_comp.name
_chem_comp.formula
GOL non-polymer GLYCEROL 'C3 H8 O3'
#
# COMPACT_ATOMS: atom_id res chain seq x y z
N GLY A 1 22.68 -12.15 12.58
CA GLY A 1 22.13 -12.55 13.87
C GLY A 1 21.25 -13.79 13.75
N PRO A 2 20.59 -14.15 14.85
CA PRO A 2 19.76 -15.35 14.84
C PRO A 2 18.49 -15.11 14.06
N ILE A 3 17.98 -16.13 13.39
CA ILE A 3 16.66 -16.04 12.81
C ILE A 3 15.64 -15.95 13.95
N ARG A 4 14.66 -15.05 13.81
CA ARG A 4 13.61 -14.88 14.83
C ARG A 4 12.23 -15.06 14.23
N LYS A 5 11.30 -15.56 15.02
CA LYS A 5 9.89 -15.55 14.68
C LYS A 5 9.22 -14.46 15.50
N VAL A 6 8.49 -13.59 14.82
CA VAL A 6 7.86 -12.43 15.45
C VAL A 6 6.38 -12.36 15.09
N LEU A 7 5.53 -12.11 16.08
CA LEU A 7 4.09 -12.01 15.86
C LEU A 7 3.68 -10.54 15.77
N LEU A 8 2.85 -10.21 14.80
CA LEU A 8 2.32 -8.85 14.62
C LEU A 8 0.79 -8.93 14.57
N LEU A 9 0.12 -8.04 15.31
CA LEU A 9 -1.34 -7.98 15.32
C LEU A 9 -1.78 -6.69 14.65
N LYS A 10 -2.70 -6.80 13.70
CA LYS A 10 -3.18 -5.62 12.99
C LYS A 10 -4.64 -5.73 12.56
N GLU A 11 -5.37 -4.63 12.73
CA GLU A 11 -6.74 -4.56 12.29
C GLU A 11 -6.74 -4.49 10.77
N ASP A 12 -7.92 -4.36 10.20
CA ASP A 12 -8.08 -4.28 8.79
C ASP A 12 -8.03 -2.85 8.22
N HIS A 13 -8.16 -1.86 9.09
CA HIS A 13 -8.12 -0.46 8.68
C HIS A 13 -6.70 0.11 8.60
N GLU A 14 -5.71 -0.68 8.99
CA GLU A 14 -4.32 -0.24 9.06
C GLU A 14 -3.44 -1.02 8.08
N GLY A 15 -2.29 -0.44 7.76
CA GLY A 15 -1.24 -1.20 7.12
C GLY A 15 -0.33 -1.87 8.15
N LEU A 16 0.75 -2.48 7.69
CA LEU A 16 1.71 -3.09 8.59
C LEU A 16 2.49 -2.07 9.38
N GLY A 17 2.71 -0.88 8.80
CA GLY A 17 3.52 0.12 9.47
C GLY A 17 5.01 -0.05 9.23
N ILE A 18 5.36 -0.56 8.05
CA ILE A 18 6.77 -0.63 7.69
C ILE A 18 6.97 -0.17 6.27
N SER A 19 8.20 0.24 6.00
CA SER A 19 8.64 0.45 4.62
C SER A 19 9.63 -0.66 4.33
N ILE A 20 9.50 -1.23 3.14
CA ILE A 20 10.44 -2.24 2.69
C ILE A 20 11.21 -1.79 1.46
N THR A 21 12.43 -2.29 1.35
CA THR A 21 13.25 -2.05 0.17
C THR A 21 13.89 -3.39 -0.24
N GLY A 22 14.62 -3.39 -1.35
CA GLY A 22 15.29 -4.59 -1.79
C GLY A 22 14.39 -5.48 -2.62
N GLY A 23 14.77 -6.74 -2.75
CA GLY A 23 14.05 -7.68 -3.58
C GLY A 23 14.97 -8.44 -4.51
N LYS A 24 14.53 -9.61 -4.95
CA LYS A 24 15.38 -10.50 -5.74
C LYS A 24 15.99 -9.86 -6.98
N GLU A 25 15.24 -8.98 -7.64
CA GLU A 25 15.74 -8.36 -8.86
C GLU A 25 16.92 -7.43 -8.57
N HIS A 26 17.12 -7.11 -7.30
CA HIS A 26 18.24 -6.27 -6.87
C HIS A 26 19.33 -7.07 -6.18
N GLY A 27 19.13 -8.37 -6.08
CA GLY A 27 20.10 -9.24 -5.46
C GLY A 27 20.19 -9.12 -3.95
N VAL A 28 19.13 -8.60 -3.33
CA VAL A 28 19.13 -8.50 -1.88
C VAL A 28 17.77 -8.90 -1.33
N PRO A 29 17.73 -9.24 -0.04
CA PRO A 29 16.47 -9.64 0.60
C PRO A 29 15.46 -8.51 0.61
N ILE A 30 14.22 -8.84 0.97
CA ILE A 30 13.25 -7.83 1.35
C ILE A 30 13.68 -7.29 2.71
N LEU A 31 14.04 -6.02 2.75
CA LEU A 31 14.60 -5.41 3.97
C LEU A 31 13.68 -4.35 4.53
N ILE A 32 13.53 -4.33 5.86
CA ILE A 32 12.79 -3.26 6.50
C ILE A 32 13.65 -2.00 6.56
N SER A 33 13.20 -0.94 5.92
CA SER A 33 13.93 0.31 5.94
C SER A 33 13.33 1.34 6.88
N GLU A 34 12.06 1.17 7.24
CA GLU A 34 11.41 2.05 8.21
C GLU A 34 10.40 1.26 9.03
N ILE A 35 10.30 1.65 10.30
CA ILE A 35 9.23 1.20 11.18
C ILE A 35 8.47 2.47 11.57
N HIS A 36 7.22 2.59 11.15
CA HIS A 36 6.49 3.83 11.39
C HIS A 36 5.93 3.87 12.80
N PRO A 37 6.24 4.97 13.54
CA PRO A 37 5.92 4.99 14.96
C PRO A 37 4.43 4.86 15.21
N GLY A 38 4.07 3.99 16.15
CA GLY A 38 2.70 3.84 16.58
C GLY A 38 1.84 2.91 15.74
N GLN A 39 2.39 2.43 14.63
CA GLN A 39 1.67 1.51 13.74
C GLN A 39 2.00 0.04 14.10
N PRO A 40 1.35 -0.94 13.45
CA PRO A 40 1.41 -2.28 14.05
C PRO A 40 2.81 -2.87 14.22
N ALA A 41 3.73 -2.66 13.27
CA ALA A 41 5.05 -3.24 13.44
C ALA A 41 5.78 -2.65 14.65
N ASP A 42 5.65 -1.34 14.84
CA ASP A 42 6.23 -0.70 16.00
C ASP A 42 5.62 -1.29 17.27
N ARG A 43 4.30 -1.39 17.29
CA ARG A 43 3.59 -1.87 18.47
C ARG A 43 3.92 -3.33 18.82
N CYS A 44 4.17 -4.14 17.81
CA CYS A 44 4.51 -5.54 18.04
C CYS A 44 5.76 -5.66 18.90
N GLY A 45 6.74 -4.81 18.64
CA GLY A 45 7.98 -4.80 19.40
C GLY A 45 9.19 -5.57 18.88
N GLY A 46 8.97 -6.49 17.96
CA GLY A 46 10.00 -7.43 17.53
C GLY A 46 10.58 -7.24 16.14
N LEU A 47 10.16 -6.19 15.45
CA LEU A 47 10.62 -5.91 14.08
C LEU A 47 11.40 -4.62 14.07
N HIS A 48 12.52 -4.61 13.36
CA HIS A 48 13.41 -3.45 13.40
C HIS A 48 14.02 -3.13 12.06
N VAL A 49 14.37 -1.87 11.88
CA VAL A 49 15.04 -1.42 10.68
C VAL A 49 16.30 -2.26 10.48
N GLY A 50 16.48 -2.76 9.26
CA GLY A 50 17.62 -3.60 8.95
C GLY A 50 17.29 -5.08 8.92
N ASP A 51 16.15 -5.45 9.49
CA ASP A 51 15.69 -6.83 9.42
C ASP A 51 15.41 -7.24 7.98
N ALA A 52 15.84 -8.44 7.61
CA ALA A 52 15.40 -9.07 6.37
C ALA A 52 14.17 -9.88 6.70
N ILE A 53 13.12 -9.73 5.87
CA ILE A 53 11.93 -10.55 6.04
C ILE A 53 12.09 -11.82 5.23
N LEU A 54 12.28 -12.92 5.94
CA LEU A 54 12.51 -14.21 5.29
C LEU A 54 11.21 -14.88 4.89
N ALA A 55 10.16 -14.68 5.67
CA ALA A 55 8.88 -15.31 5.37
C ALA A 55 7.79 -14.59 6.15
N VAL A 56 6.57 -14.69 5.66
CA VAL A 56 5.42 -14.15 6.38
C VAL A 56 4.31 -15.17 6.29
N ASN A 57 3.76 -15.54 7.44
CA ASN A 57 2.73 -16.57 7.49
C ASN A 57 3.10 -17.82 6.68
N GLY A 58 4.36 -18.23 6.77
CA GLY A 58 4.83 -19.43 6.08
C GLY A 58 5.10 -19.26 4.59
N VAL A 59 4.92 -18.05 4.07
CA VAL A 59 5.24 -17.78 2.68
C VAL A 59 6.67 -17.26 2.58
N ASN A 60 7.55 -18.03 1.92
CA ASN A 60 8.94 -17.65 1.79
C ASN A 60 9.07 -16.37 0.95
N LEU A 61 9.81 -15.41 1.47
CA LEU A 61 10.08 -14.17 0.75
C LEU A 61 11.54 -14.02 0.36
N ARG A 62 12.31 -15.10 0.50
N ARG A 62 12.33 -15.09 0.48
CA ARG A 62 13.76 -15.03 0.27
CA ARG A 62 13.77 -14.97 0.27
C ARG A 62 14.12 -14.74 -1.18
C ARG A 62 14.16 -14.80 -1.20
N ASP A 63 13.32 -15.25 -2.12
CA ASP A 63 13.62 -15.12 -3.55
C ASP A 63 12.57 -14.32 -4.28
N THR A 64 11.85 -13.47 -3.55
N THR A 64 11.94 -13.41 -3.57
CA THR A 64 10.76 -12.71 -4.14
CA THR A 64 10.79 -12.69 -4.07
C THR A 64 11.22 -11.35 -4.63
C THR A 64 11.19 -11.31 -4.60
N LYS A 65 10.65 -10.91 -5.75
CA LYS A 65 10.89 -9.57 -6.27
C LYS A 65 10.13 -8.56 -5.42
N HIS A 66 10.56 -7.31 -5.49
CA HIS A 66 9.99 -6.27 -4.65
C HIS A 66 8.47 -6.23 -4.65
N LYS A 67 7.87 -6.13 -5.84
CA LYS A 67 6.42 -5.95 -5.93
C LYS A 67 5.66 -7.24 -5.59
N GLU A 68 6.29 -8.39 -5.81
CA GLU A 68 5.72 -9.65 -5.37
C GLU A 68 5.59 -9.60 -3.85
N ALA A 69 6.64 -9.16 -3.18
CA ALA A 69 6.61 -9.06 -1.73
C ALA A 69 5.55 -8.08 -1.25
N VAL A 70 5.39 -6.94 -1.93
CA VAL A 70 4.34 -6.00 -1.54
C VAL A 70 2.97 -6.66 -1.59
N THR A 71 2.69 -7.38 -2.67
CA THR A 71 1.39 -8.02 -2.79
C THR A 71 1.18 -9.06 -1.68
N ILE A 72 2.19 -9.88 -1.46
CA ILE A 72 2.10 -10.92 -0.45
C ILE A 72 1.92 -10.31 0.93
N LEU A 73 2.79 -9.36 1.29
CA LEU A 73 2.72 -8.77 2.62
C LEU A 73 1.41 -8.03 2.89
N SER A 74 0.92 -7.27 1.91
CA SER A 74 -0.29 -6.47 2.09
C SER A 74 -1.56 -7.33 2.16
N GLN A 75 -1.47 -8.57 1.69
CA GLN A 75 -2.61 -9.47 1.74
C GLN A 75 -2.83 -10.04 3.14
N GLN A 76 -1.80 -10.02 3.98
CA GLN A 76 -1.92 -10.68 5.29
C GLN A 76 -2.79 -9.88 6.24
N ARG A 77 -3.58 -10.56 7.04
CA ARG A 77 -4.54 -9.90 7.94
C ARG A 77 -4.45 -10.46 9.36
N GLY A 78 -4.75 -9.63 10.33
CA GLY A 78 -4.97 -10.09 11.69
C GLY A 78 -3.70 -10.42 12.43
N GLU A 79 -3.56 -11.70 12.79
CA GLU A 79 -2.38 -12.19 13.49
C GLU A 79 -1.40 -12.73 12.48
N ILE A 80 -0.28 -12.02 12.32
CA ILE A 80 0.63 -12.27 11.23
C ILE A 80 2.01 -12.66 11.76
N GLU A 81 2.52 -13.81 11.35
CA GLU A 81 3.81 -14.29 11.83
C GLU A 81 4.91 -13.98 10.85
N PHE A 82 5.97 -13.33 11.32
CA PHE A 82 7.12 -13.02 10.49
C PHE A 82 8.29 -13.88 10.89
N GLU A 83 9.09 -14.25 9.90
CA GLU A 83 10.40 -14.85 10.18
C GLU A 83 11.40 -13.83 9.66
N VAL A 84 12.27 -13.35 10.54
CA VAL A 84 13.18 -12.26 10.19
C VAL A 84 14.57 -12.51 10.70
N VAL A 85 15.54 -11.80 10.13
CA VAL A 85 16.91 -11.90 10.64
C VAL A 85 17.61 -10.58 10.41
N TYR A 86 18.38 -10.15 11.42
CA TYR A 86 19.18 -8.95 11.29
C TYR A 86 20.62 -9.31 10.99
N VAL A 87 21.13 -8.79 9.87
CA VAL A 87 22.52 -9.00 9.49
C VAL A 87 23.28 -7.68 9.46
N GLY B 1 1.47 10.94 7.64
CA GLY B 1 0.45 10.14 8.30
C GLY B 1 0.62 8.66 7.98
N PRO B 2 -0.15 7.82 8.68
CA PRO B 2 -0.05 6.37 8.51
C PRO B 2 -0.92 5.87 7.35
N ILE B 3 -0.64 4.67 6.88
CA ILE B 3 -1.50 4.05 5.90
C ILE B 3 -2.87 3.80 6.51
N ARG B 4 -3.90 4.09 5.73
CA ARG B 4 -5.27 3.75 6.10
C ARG B 4 -5.88 2.89 5.02
N LYS B 5 -6.76 1.98 5.42
CA LYS B 5 -7.59 1.27 4.47
C LYS B 5 -9.02 1.73 4.68
N VAL B 6 -9.64 2.19 3.60
CA VAL B 6 -10.91 2.89 3.64
C VAL B 6 -11.90 2.20 2.71
N LEU B 7 -13.12 1.94 3.16
CA LEU B 7 -14.12 1.37 2.29
C LEU B 7 -15.03 2.43 1.68
N LEU B 8 -15.29 2.27 0.38
CA LEU B 8 -16.21 3.13 -0.33
C LEU B 8 -17.30 2.23 -0.91
N LEU B 9 -18.56 2.65 -0.79
CA LEU B 9 -19.65 1.88 -1.38
C LEU B 9 -20.16 2.56 -2.64
N LYS B 10 -20.05 1.87 -3.76
CA LYS B 10 -20.44 2.41 -5.05
C LYS B 10 -21.61 1.62 -5.64
N GLU B 11 -22.67 2.32 -6.04
CA GLU B 11 -23.74 1.68 -6.79
C GLU B 11 -23.28 1.55 -8.23
N ASP B 12 -23.80 0.56 -8.96
CA ASP B 12 -23.33 0.32 -10.32
C ASP B 12 -23.55 1.52 -11.25
N HIS B 13 -24.54 2.35 -10.93
CA HIS B 13 -24.88 3.48 -11.80
C HIS B 13 -24.04 4.74 -11.56
N GLU B 14 -23.21 4.72 -10.52
CA GLU B 14 -22.48 5.93 -10.11
C GLU B 14 -20.97 5.80 -10.18
N GLY B 15 -20.31 6.92 -10.35
CA GLY B 15 -18.87 6.93 -10.26
C GLY B 15 -18.43 6.98 -8.82
N LEU B 16 -17.13 6.95 -8.58
CA LEU B 16 -16.57 7.05 -7.24
C LEU B 16 -16.64 8.48 -6.72
N GLY B 17 -16.57 9.46 -7.62
CA GLY B 17 -16.59 10.86 -7.23
C GLY B 17 -15.23 11.39 -6.82
N ILE B 18 -14.21 11.00 -7.58
CA ILE B 18 -12.84 11.38 -7.24
C ILE B 18 -12.17 11.88 -8.51
N SER B 19 -11.40 12.96 -8.40
CA SER B 19 -10.49 13.36 -9.47
C SER B 19 -9.10 12.88 -9.09
N ILE B 20 -8.38 12.39 -10.11
CA ILE B 20 -7.11 11.69 -9.94
C ILE B 20 -6.03 12.37 -10.76
N THR B 21 -4.85 12.52 -10.20
CA THR B 21 -3.71 13.00 -10.96
C THR B 21 -2.46 12.20 -10.57
N GLY B 22 -1.32 12.52 -11.18
CA GLY B 22 -0.09 11.84 -10.83
C GLY B 22 0.06 10.50 -11.53
N GLY B 23 0.94 9.67 -10.99
CA GLY B 23 1.25 8.38 -11.58
C GLY B 23 2.72 8.22 -11.93
N LYS B 24 3.10 6.99 -12.26
CA LYS B 24 4.49 6.62 -12.45
C LYS B 24 5.25 7.50 -13.43
N GLU B 25 4.59 7.93 -14.50
CA GLU B 25 5.28 8.70 -15.52
C GLU B 25 5.63 10.10 -15.04
N HIS B 26 5.05 10.50 -13.91
CA HIS B 26 5.38 11.79 -13.33
C HIS B 26 6.21 11.66 -12.06
N GLY B 27 6.61 10.43 -11.74
CA GLY B 27 7.47 10.17 -10.59
C GLY B 27 6.80 10.38 -9.25
N VAL B 28 5.47 10.32 -9.25
CA VAL B 28 4.68 10.50 -8.03
C VAL B 28 3.58 9.47 -7.96
N PRO B 29 3.01 9.27 -6.77
CA PRO B 29 1.91 8.30 -6.68
C PRO B 29 0.68 8.75 -7.44
N ILE B 30 -0.30 7.85 -7.55
CA ILE B 30 -1.64 8.22 -7.95
C ILE B 30 -2.21 9.07 -6.81
N LEU B 31 -2.65 10.28 -7.12
CA LEU B 31 -3.05 11.24 -6.09
C LEU B 31 -4.47 11.70 -6.27
N ILE B 32 -5.18 11.85 -5.14
CA ILE B 32 -6.51 12.44 -5.16
C ILE B 32 -6.38 13.95 -5.28
N SER B 33 -6.97 14.53 -6.32
CA SER B 33 -6.91 15.98 -6.50
C SER B 33 -8.23 16.67 -6.16
N GLU B 34 -9.34 15.93 -6.17
CA GLU B 34 -10.65 16.47 -5.81
C GLU B 34 -11.55 15.38 -5.28
N ILE B 35 -12.37 15.73 -4.31
CA ILE B 35 -13.42 14.85 -3.81
C ILE B 35 -14.74 15.54 -4.11
N HIS B 36 -15.58 14.92 -4.93
CA HIS B 36 -16.81 15.56 -5.41
C HIS B 36 -17.93 15.46 -4.38
N PRO B 37 -18.53 16.60 -4.03
CA PRO B 37 -19.53 16.60 -2.95
C PRO B 37 -20.71 15.66 -3.19
N GLY B 38 -21.06 14.86 -2.19
CA GLY B 38 -22.24 14.02 -2.24
C GLY B 38 -22.05 12.68 -2.93
N GLN B 39 -20.91 12.48 -3.57
CA GLN B 39 -20.64 11.24 -4.25
C GLN B 39 -19.99 10.23 -3.29
N PRO B 40 -19.83 8.97 -3.74
CA PRO B 40 -19.36 7.92 -2.82
C PRO B 40 -18.11 8.27 -2.00
N ALA B 41 -17.08 8.84 -2.63
CA ALA B 41 -15.85 9.14 -1.90
C ALA B 41 -16.07 10.17 -0.79
N ASP B 42 -16.87 11.20 -1.09
CA ASP B 42 -17.22 12.19 -0.08
C ASP B 42 -17.99 11.52 1.05
N ARG B 43 -18.98 10.71 0.69
CA ARG B 43 -19.86 10.08 1.67
C ARG B 43 -19.10 9.17 2.64
N CYS B 44 -18.04 8.52 2.15
CA CYS B 44 -17.30 7.59 3.02
C CYS B 44 -16.47 8.33 4.08
N GLY B 45 -16.16 9.59 3.82
CA GLY B 45 -15.49 10.44 4.79
C GLY B 45 -14.06 10.11 5.16
N GLY B 46 -13.45 9.16 4.46
CA GLY B 46 -12.09 8.75 4.79
C GLY B 46 -11.08 8.97 3.67
N LEU B 47 -11.50 9.63 2.60
CA LEU B 47 -10.62 9.94 1.48
C LEU B 47 -10.51 11.43 1.28
N HIS B 48 -9.29 11.93 1.18
CA HIS B 48 -9.07 13.38 1.16
C HIS B 48 -8.14 13.83 0.05
N VAL B 49 -8.29 15.08 -0.36
CA VAL B 49 -7.41 15.67 -1.35
C VAL B 49 -5.99 15.59 -0.83
N GLY B 50 -5.09 15.11 -1.69
CA GLY B 50 -3.70 14.95 -1.31
C GLY B 50 -3.33 13.53 -0.93
N ASP B 51 -4.32 12.69 -0.65
CA ASP B 51 -4.05 11.28 -0.40
C ASP B 51 -3.44 10.62 -1.61
N ALA B 52 -2.44 9.78 -1.35
CA ALA B 52 -1.93 8.87 -2.37
C ALA B 52 -2.72 7.56 -2.29
N ILE B 53 -3.17 7.09 -3.45
CA ILE B 53 -3.80 5.78 -3.53
C ILE B 53 -2.73 4.75 -3.82
N LEU B 54 -2.34 3.99 -2.79
CA LEU B 54 -1.30 2.98 -2.92
C LEU B 54 -1.82 1.70 -3.55
N ALA B 55 -3.07 1.37 -3.25
CA ALA B 55 -3.66 0.16 -3.79
C ALA B 55 -5.16 0.28 -3.75
N VAL B 56 -5.84 -0.47 -4.60
CA VAL B 56 -7.29 -0.57 -4.55
C VAL B 56 -7.67 -2.04 -4.66
N ASN B 57 -8.49 -2.52 -3.72
CA ASN B 57 -8.86 -3.93 -3.68
C ASN B 57 -7.67 -4.88 -3.90
N GLY B 58 -6.54 -4.55 -3.28
CA GLY B 58 -5.38 -5.41 -3.33
C GLY B 58 -4.62 -5.37 -4.66
N VAL B 59 -4.93 -4.37 -5.49
CA VAL B 59 -4.14 -4.10 -6.68
C VAL B 59 -3.17 -2.99 -6.34
N ASN B 60 -1.87 -3.32 -6.32
CA ASN B 60 -0.83 -2.37 -5.99
C ASN B 60 -0.66 -1.36 -7.11
N LEU B 61 -0.88 -0.09 -6.78
CA LEU B 61 -0.79 1.00 -7.77
C LEU B 61 0.38 1.92 -7.49
N ARG B 62 1.32 1.47 -6.66
CA ARG B 62 2.48 2.29 -6.33
C ARG B 62 3.39 2.55 -7.53
N ASP B 63 3.36 1.67 -8.51
CA ASP B 63 4.30 1.80 -9.64
C ASP B 63 3.57 1.67 -10.97
N THR B 64 2.41 2.31 -11.07
CA THR B 64 1.55 2.19 -12.24
C THR B 64 1.35 3.55 -12.87
N LYS B 65 1.32 3.62 -14.19
CA LYS B 65 1.07 4.86 -14.88
C LYS B 65 -0.38 5.31 -14.73
N HIS B 66 -0.58 6.61 -14.89
CA HIS B 66 -1.88 7.24 -14.70
C HIS B 66 -3.02 6.49 -15.38
N LYS B 67 -2.93 6.26 -16.67
CA LYS B 67 -4.05 5.73 -17.41
C LYS B 67 -4.48 4.33 -16.96
N GLU B 68 -3.44 3.47 -16.73
CA GLU B 68 -3.72 2.12 -16.27
C GLU B 68 -4.31 2.09 -14.87
N ALA B 69 -3.81 2.97 -13.99
CA ALA B 69 -4.37 3.05 -12.64
C ALA B 69 -5.83 3.46 -12.72
N VAL B 70 -6.11 4.46 -13.54
CA VAL B 70 -7.48 4.94 -13.69
C VAL B 70 -8.40 3.84 -14.21
N THR B 71 -7.92 3.08 -15.18
CA THR B 71 -8.70 1.95 -15.70
C THR B 71 -9.01 0.92 -14.61
N ILE B 72 -7.99 0.49 -13.88
CA ILE B 72 -8.20 -0.43 -12.76
C ILE B 72 -9.20 0.12 -11.75
N LEU B 73 -9.02 1.38 -11.37
CA LEU B 73 -9.93 2.00 -10.42
C LEU B 73 -11.37 1.98 -10.91
N SER B 74 -11.55 2.27 -12.20
CA SER B 74 -12.88 2.38 -12.79
C SER B 74 -13.59 1.03 -12.93
N GLN B 75 -12.82 -0.07 -12.87
CA GLN B 75 -13.39 -1.40 -13.01
C GLN B 75 -13.91 -1.95 -11.70
N GLN B 76 -13.57 -1.30 -10.59
CA GLN B 76 -14.00 -1.76 -9.28
C GLN B 76 -15.48 -1.55 -9.08
N ARG B 77 -16.11 -2.47 -8.34
N ARG B 77 -16.11 -2.47 -8.34
CA ARG B 77 -17.55 -2.46 -8.14
CA ARG B 77 -17.55 -2.46 -8.14
C ARG B 77 -17.92 -2.72 -6.68
C ARG B 77 -17.92 -2.74 -6.69
N GLY B 78 -19.07 -2.21 -6.27
CA GLY B 78 -19.60 -2.48 -4.94
C GLY B 78 -18.84 -1.82 -3.81
N GLU B 79 -18.50 -2.61 -2.80
CA GLU B 79 -17.75 -2.12 -1.65
C GLU B 79 -16.27 -2.25 -1.96
N ILE B 80 -15.58 -1.11 -2.05
CA ILE B 80 -14.24 -1.04 -2.62
C ILE B 80 -13.24 -0.54 -1.57
N GLU B 81 -12.15 -1.29 -1.40
CA GLU B 81 -11.15 -0.91 -0.39
C GLU B 81 -10.02 -0.11 -1.01
N PHE B 82 -9.78 1.08 -0.47
CA PHE B 82 -8.67 1.92 -0.89
C PHE B 82 -7.61 1.87 0.19
N GLU B 83 -6.36 1.65 -0.20
CA GLU B 83 -5.24 1.74 0.72
C GLU B 83 -4.58 3.07 0.39
N VAL B 84 -4.62 4.01 1.35
CA VAL B 84 -4.18 5.36 1.10
C VAL B 84 -3.23 5.86 2.17
N VAL B 85 -2.46 6.89 1.81
CA VAL B 85 -1.58 7.54 2.77
C VAL B 85 -1.45 9.01 2.44
N TYR B 86 -1.40 9.82 3.48
CA TYR B 86 -1.15 11.24 3.34
C TYR B 86 0.23 11.49 3.93
N VAL B 87 1.19 11.79 3.07
CA VAL B 87 2.57 11.99 3.46
C VAL B 87 2.80 13.44 3.91
N ARG C 4 18.53 3.54 -5.66
CA ARG C 4 18.76 2.50 -6.65
C ARG C 4 17.74 1.37 -6.49
N TRP C 5 17.43 1.02 -5.24
CA TRP C 5 16.34 0.09 -4.94
C TRP C 5 15.06 0.87 -4.68
N PRO C 6 13.97 0.27 -4.95
CA PRO C 6 12.67 0.88 -4.67
C PRO C 6 12.32 0.71 -3.18
N THR C 7 11.46 1.61 -2.70
CA THR C 7 10.94 1.49 -1.36
C THR C 7 9.42 1.56 -1.44
N SER C 8 8.74 0.71 -0.69
CA SER C 8 7.29 0.76 -0.62
C SER C 8 6.87 0.83 0.83
OH ALY C 9 3.67 6.35 -1.65
CH ALY C 9 4.32 6.77 -0.69
CH3 ALY C 9 5.36 7.87 -0.90
NZ ALY C 9 4.13 5.85 0.79
CE ALY C 9 5.20 6.50 1.60
CD ALY C 9 5.56 5.67 2.82
CG ALY C 9 5.99 4.27 2.44
CB ALY C 9 4.91 3.26 2.73
CA ALY C 9 5.31 1.80 2.43
N ALY C 9 5.91 1.70 1.11
C ALY C 9 4.09 0.89 2.47
O ALY C 9 3.20 1.00 1.64
N ILE C 10 4.06 0.00 3.45
CA ILE C 10 3.03 -1.04 3.50
C ILE C 10 2.49 -1.22 4.91
N ALA D 1 0.70 19.06 -6.33
CA ALA D 1 0.58 18.46 -7.65
C ALA D 1 0.73 19.49 -8.76
N ASN D 2 1.42 19.10 -9.83
CA ASN D 2 1.66 19.98 -10.96
C ASN D 2 0.46 20.05 -11.90
N SER D 3 0.00 21.26 -12.19
CA SER D 3 -1.20 21.44 -13.01
C SER D 3 -1.07 20.87 -14.43
N ARG D 4 0.16 20.60 -14.88
CA ARG D 4 0.36 20.08 -16.22
C ARG D 4 0.17 18.57 -16.29
N TRP D 5 0.23 17.90 -15.14
CA TRP D 5 -0.10 16.48 -15.10
C TRP D 5 -1.57 16.36 -15.50
N PRO D 6 -1.90 15.33 -16.28
CA PRO D 6 -3.28 15.06 -16.68
C PRO D 6 -4.16 14.69 -15.49
N THR D 7 -5.43 15.04 -15.58
CA THR D 7 -6.44 14.75 -14.56
C THR D 7 -7.50 13.83 -15.14
N SER D 8 -7.87 12.80 -14.39
CA SER D 8 -8.98 11.93 -14.75
C SER D 8 -10.02 12.00 -13.65
OH ALY D 9 -11.20 18.26 -12.00
CH ALY D 9 -12.22 17.89 -12.57
CH3 ALY D 9 -12.79 18.75 -13.71
NZ ALY D 9 -12.69 16.66 -12.53
CE ALY D 9 -13.98 16.12 -13.10
CD ALY D 9 -14.30 14.64 -12.89
CG ALY D 9 -13.08 13.75 -13.17
CB ALY D 9 -13.45 12.31 -13.22
CA ALY D 9 -12.25 11.39 -12.98
N ALY D 9 -11.22 11.60 -13.97
C ALY D 9 -12.68 9.93 -12.94
O ALY D 9 -12.66 9.26 -13.96
N ILE D 10 -13.04 9.47 -11.75
CA ILE D 10 -13.50 8.09 -11.58
C ILE D 10 -14.70 8.06 -10.65
C1 GOL E . -7.62 -10.31 15.52
O1 GOL E . -8.12 -11.14 14.51
C2 GOL E . -7.21 -8.97 14.93
O2 GOL E . -8.09 -8.02 15.46
C3 GOL E . -5.79 -8.64 15.39
O3 GOL E . -5.71 -8.93 16.77
C1 GOL F . -11.01 -1.77 5.44
O1 GOL F . -11.25 -2.99 4.77
C2 GOL F . -12.16 -1.48 6.39
O2 GOL F . -12.34 -2.55 7.28
C3 GOL F . -11.85 -0.19 7.15
O3 GOL F . -12.92 0.14 8.01
#